data_4E2A
#
_entry.id   4E2A
#
_cell.length_a   75.700
_cell.length_b   75.700
_cell.length_c   80.900
_cell.angle_alpha   90.00
_cell.angle_beta   90.00
_cell.angle_gamma   90.00
#
_symmetry.space_group_name_H-M   'P 41'
#
loop_
_entity.id
_entity.type
_entity.pdbx_description
1 polymer 'Putative acetyltransferase'
2 water water
#
_entity_poly.entity_id   1
_entity_poly.type   'polypeptide(L)'
_entity_poly.pdbx_seq_one_letter_code
;MGSSHHHHHHSSGLVPRGSHMASMTGGQQMGRGSMSQVEIRKVNQDELSLLQKIAIQTFRETFAFDNTAEQLQNFFDEAY
TLSVLKLELDDKESETYFILMSGKAAGFLKVNWGSSQTEQVLEDAFEIQRLYILKAYQGLGLGKQLFEFALERAQISGLS
WVWLGVWEKNVKAQLLYAKYGFEQFSKHSFFVGNKVDTDWLLKKSLS
;
_entity_poly.pdbx_strand_id   A,B
#
# COMPACT_ATOMS: atom_id res chain seq x y z
N GLN A 37 -16.89 -35.48 2.53
CA GLN A 37 -15.69 -35.47 3.38
C GLN A 37 -15.24 -34.05 3.73
N VAL A 38 -15.98 -33.07 3.22
CA VAL A 38 -15.56 -31.68 3.31
C VAL A 38 -16.34 -30.89 4.34
N GLU A 39 -15.63 -30.11 5.15
CA GLU A 39 -16.26 -29.25 6.13
C GLU A 39 -15.69 -27.84 6.06
N ILE A 40 -16.52 -26.85 6.30
CA ILE A 40 -16.08 -25.46 6.40
C ILE A 40 -16.56 -24.92 7.72
N ARG A 41 -15.65 -24.38 8.52
CA ARG A 41 -15.99 -23.84 9.83
C ARG A 41 -14.93 -22.84 10.31
N LYS A 42 -15.28 -22.08 11.34
CA LYS A 42 -14.36 -21.10 11.88
C LYS A 42 -13.15 -21.81 12.48
N VAL A 43 -12.02 -21.12 12.46
CA VAL A 43 -10.80 -21.59 13.12
C VAL A 43 -11.04 -21.58 14.62
N ASN A 44 -10.72 -22.69 15.27
CA ASN A 44 -10.83 -22.78 16.71
C ASN A 44 -9.73 -21.96 17.39
N GLN A 45 -10.02 -21.48 18.60
CA GLN A 45 -9.02 -20.78 19.41
C GLN A 45 -7.75 -21.62 19.56
N ASP A 46 -7.91 -22.94 19.74
CA ASP A 46 -6.75 -23.82 19.91
C ASP A 46 -6.09 -24.27 18.59
N GLU A 47 -6.46 -23.64 17.48
CA GLU A 47 -5.85 -23.97 16.18
C GLU A 47 -4.99 -22.81 15.64
N LEU A 48 -4.68 -21.85 16.51
CA LEU A 48 -3.84 -20.73 16.11
C LEU A 48 -2.53 -21.15 15.42
N SER A 49 -1.83 -22.14 15.97
CA SER A 49 -0.56 -22.58 15.38
C SER A 49 -0.77 -23.26 14.04
N LEU A 50 -1.84 -24.04 13.96
CA LEU A 50 -2.25 -24.67 12.73
C LEU A 50 -2.52 -23.59 11.64
N LEU A 51 -3.33 -22.60 11.97
CA LEU A 51 -3.53 -21.46 11.07
C LEU A 51 -2.23 -20.81 10.59
N GLN A 52 -1.29 -20.56 11.51
CA GLN A 52 -0.02 -19.94 11.12
C GLN A 52 0.66 -20.83 10.08
N LYS A 53 0.64 -22.13 10.35
CA LYS A 53 1.32 -23.10 9.48
C LYS A 53 0.78 -23.09 8.05
N ILE A 54 -0.54 -23.16 7.92
CA ILE A 54 -1.13 -23.23 6.62
C ILE A 54 -1.01 -21.87 5.92
N ALA A 55 -1.19 -20.78 6.66
CA ALA A 55 -0.98 -19.45 6.08
C ALA A 55 0.45 -19.33 5.53
N ILE A 56 1.44 -19.80 6.28
CA ILE A 56 2.82 -19.68 5.78
C ILE A 56 3.03 -20.61 4.58
N GLN A 57 2.55 -21.84 4.69
CA GLN A 57 2.80 -22.77 3.61
C GLN A 57 2.19 -22.32 2.28
N THR A 58 0.95 -21.81 2.32
CA THR A 58 0.27 -21.35 1.11
C THR A 58 0.96 -20.12 0.51
N PHE A 59 1.52 -19.27 1.36
CA PHE A 59 2.16 -18.06 0.88
C PHE A 59 3.45 -18.45 0.14
N ARG A 60 4.17 -19.39 0.75
CA ARG A 60 5.39 -19.96 0.19
C ARG A 60 5.09 -20.63 -1.16
N GLU A 61 4.08 -21.50 -1.19
CA GLU A 61 3.66 -22.12 -2.44
C GLU A 61 3.30 -21.12 -3.54
N THR A 62 2.65 -20.02 -3.16
CA THR A 62 2.16 -19.06 -4.14
C THR A 62 3.28 -18.14 -4.64
N PHE A 63 4.22 -17.82 -3.76
CA PHE A 63 5.18 -16.75 -4.06
C PHE A 63 6.66 -17.16 -4.14
N ALA A 64 7.00 -18.38 -3.72
CA ALA A 64 8.41 -18.74 -3.53
C ALA A 64 9.23 -18.87 -4.83
N PHE A 65 8.56 -19.18 -5.93
CA PHE A 65 9.27 -19.40 -7.19
C PHE A 65 9.72 -18.10 -7.83
N ASP A 66 9.08 -16.99 -7.46
CA ASP A 66 9.38 -15.71 -8.08
C ASP A 66 10.00 -14.70 -7.09
N ASN A 67 10.25 -15.14 -5.87
CA ASN A 67 10.83 -14.27 -4.86
C ASN A 67 11.85 -15.05 -4.05
N THR A 68 12.74 -14.36 -3.32
CA THR A 68 13.75 -15.02 -2.51
C THR A 68 13.17 -15.42 -1.15
N ALA A 69 13.87 -16.27 -0.43
CA ALA A 69 13.36 -16.76 0.84
C ALA A 69 13.26 -15.63 1.84
N GLU A 70 14.23 -14.71 1.77
CA GLU A 70 14.30 -13.56 2.66
C GLU A 70 13.11 -12.63 2.43
N GLN A 71 12.75 -12.38 1.16
CA GLN A 71 11.58 -11.55 0.86
C GLN A 71 10.31 -12.15 1.43
N LEU A 72 10.15 -13.47 1.29
CA LEU A 72 8.97 -14.11 1.84
C LEU A 72 8.98 -14.00 3.35
N GLN A 73 10.14 -14.26 3.96
CA GLN A 73 10.28 -14.20 5.43
C GLN A 73 9.91 -12.82 5.99
N ASN A 74 10.31 -11.75 5.29
CA ASN A 74 9.87 -10.41 5.67
C ASN A 74 8.35 -10.34 5.85
N PHE A 75 7.61 -10.95 4.93
CA PHE A 75 6.15 -10.92 5.02
C PHE A 75 5.65 -11.78 6.19
N PHE A 76 6.18 -13.00 6.33
CA PHE A 76 5.82 -13.84 7.47
C PHE A 76 6.06 -13.12 8.80
N ASP A 77 7.23 -12.49 8.90
CA ASP A 77 7.65 -11.83 10.14
C ASP A 77 6.69 -10.72 10.52
N GLU A 78 5.94 -10.21 9.54
CA GLU A 78 5.06 -9.07 9.77
C GLU A 78 3.60 -9.47 9.87
N ALA A 79 3.17 -10.34 8.96
CA ALA A 79 1.74 -10.67 8.83
C ALA A 79 1.31 -11.96 9.52
N TYR A 80 2.22 -12.90 9.70
CA TYR A 80 1.81 -14.24 10.14
C TYR A 80 2.48 -14.72 11.43
N THR A 81 2.81 -13.79 12.32
CA THR A 81 3.24 -14.16 13.69
C THR A 81 2.00 -14.60 14.46
N LEU A 82 2.19 -15.38 15.51
CA LEU A 82 1.07 -15.85 16.32
C LEU A 82 0.29 -14.71 16.94
N SER A 83 0.97 -13.60 17.27
CA SER A 83 0.30 -12.48 17.93
C SER A 83 -0.63 -11.70 17.00
N VAL A 84 -0.19 -11.49 15.76
CA VAL A 84 -1.03 -10.82 14.76
C VAL A 84 -2.23 -11.69 14.37
N LEU A 85 -1.96 -12.96 14.13
CA LEU A 85 -3.06 -13.90 13.86
C LEU A 85 -4.01 -14.02 15.05
N LYS A 86 -3.48 -13.95 16.27
CA LYS A 86 -4.34 -13.97 17.45
C LYS A 86 -5.34 -12.80 17.46
N LEU A 87 -4.85 -11.57 17.22
CA LEU A 87 -5.71 -10.39 17.12
C LEU A 87 -6.78 -10.55 16.04
N GLU A 88 -6.39 -11.18 14.93
CA GLU A 88 -7.33 -11.45 13.85
C GLU A 88 -8.40 -12.44 14.31
N LEU A 89 -8.02 -13.47 15.06
CA LEU A 89 -8.99 -14.45 15.52
C LEU A 89 -9.95 -13.87 16.55
N ASP A 90 -9.48 -12.87 17.29
CA ASP A 90 -10.29 -12.26 18.34
C ASP A 90 -11.09 -11.05 17.86
N ASP A 91 -10.80 -10.60 16.64
CA ASP A 91 -11.47 -9.45 16.03
C ASP A 91 -12.98 -9.71 15.80
N LYS A 92 -13.83 -8.88 16.37
CA LYS A 92 -15.28 -9.08 16.27
C LYS A 92 -15.84 -8.76 14.89
N GLU A 93 -15.11 -8.01 14.08
CA GLU A 93 -15.60 -7.60 12.77
C GLU A 93 -14.88 -8.32 11.64
N SER A 94 -14.40 -9.53 11.95
CA SER A 94 -13.72 -10.36 10.94
C SER A 94 -13.94 -11.84 11.26
N GLU A 95 -13.94 -12.68 10.24
CA GLU A 95 -13.91 -14.11 10.51
C GLU A 95 -12.89 -14.83 9.69
N THR A 96 -12.25 -15.83 10.29
CA THR A 96 -11.36 -16.69 9.55
C THR A 96 -11.88 -18.15 9.59
N TYR A 97 -11.92 -18.76 8.42
CA TYR A 97 -12.43 -20.13 8.27
C TYR A 97 -11.38 -21.07 7.72
N PHE A 98 -11.45 -22.35 8.13
CA PHE A 98 -10.76 -23.43 7.46
C PHE A 98 -11.76 -24.13 6.55
N ILE A 99 -11.27 -24.63 5.43
CA ILE A 99 -11.98 -25.70 4.73
C ILE A 99 -11.18 -26.97 4.95
N LEU A 100 -11.89 -28.02 5.34
CA LEU A 100 -11.23 -29.25 5.76
C LEU A 100 -11.65 -30.43 4.91
N MET A 101 -10.87 -31.43 4.52
CA MET A 101 -10.83 -32.71 3.84
C MET A 101 -10.41 -33.78 4.85
N SER A 102 -11.49 -34.48 5.17
CA SER A 102 -11.31 -35.59 6.08
C SER A 102 -10.64 -35.16 7.39
N GLY A 103 -11.00 -33.99 7.89
CA GLY A 103 -10.50 -33.52 9.16
C GLY A 103 -9.16 -32.79 9.10
N LYS A 104 -8.56 -32.76 7.92
CA LYS A 104 -7.31 -32.03 7.70
C LYS A 104 -7.53 -30.66 7.04
N ALA A 105 -6.95 -29.62 7.60
CA ALA A 105 -7.05 -28.29 7.01
C ALA A 105 -6.44 -28.25 5.59
N ALA A 106 -7.26 -27.88 4.62
CA ALA A 106 -6.83 -27.82 3.22
C ALA A 106 -6.71 -26.38 2.68
N GLY A 107 -7.27 -25.41 3.40
CA GLY A 107 -7.20 -24.03 2.99
C GLY A 107 -7.90 -23.11 3.97
N PHE A 108 -7.88 -21.82 3.69
CA PHE A 108 -8.46 -20.85 4.62
C PHE A 108 -9.00 -19.60 3.94
N LEU A 109 -9.86 -18.90 4.67
CA LEU A 109 -10.68 -17.83 4.14
C LEU A 109 -10.74 -16.73 5.18
N LYS A 110 -10.37 -15.49 4.83
CA LYS A 110 -10.61 -14.39 5.79
C LYS A 110 -11.58 -13.36 5.24
N VAL A 111 -12.60 -13.04 6.03
CA VAL A 111 -13.60 -12.03 5.62
C VAL A 111 -13.70 -10.88 6.64
N ASN A 112 -13.99 -9.66 6.17
CA ASN A 112 -14.04 -8.49 7.04
C ASN A 112 -15.30 -7.65 6.82
N TRP A 113 -15.71 -6.94 7.87
CA TRP A 113 -16.71 -5.90 7.74
C TRP A 113 -16.47 -4.82 8.81
N GLY A 114 -17.27 -3.75 8.80
CA GLY A 114 -17.07 -2.66 9.75
C GLY A 114 -15.69 -2.03 9.61
N SER A 115 -15.05 -1.71 10.74
CA SER A 115 -13.75 -1.04 10.72
C SER A 115 -12.61 -2.00 10.40
N SER A 116 -12.90 -3.30 10.41
CA SER A 116 -11.86 -4.29 10.14
C SER A 116 -11.58 -4.47 8.64
N GLN A 117 -12.38 -3.84 7.79
CA GLN A 117 -12.07 -3.91 6.37
C GLN A 117 -10.71 -3.28 6.13
N THR A 118 -9.99 -3.78 5.12
CA THR A 118 -8.66 -3.26 4.84
C THR A 118 -8.70 -1.83 4.33
N GLU A 119 -9.83 -1.45 3.73
CA GLU A 119 -10.03 -0.11 3.20
C GLU A 119 -11.49 0.27 3.36
N GLN A 120 -11.75 1.54 3.68
CA GLN A 120 -13.11 2.04 3.73
C GLN A 120 -13.48 2.61 2.37
N VAL A 121 -14.10 1.79 1.52
CA VAL A 121 -14.43 2.22 0.16
C VAL A 121 -15.94 2.21 -0.14
N LEU A 122 -16.71 1.45 0.64
CA LEU A 122 -18.15 1.38 0.46
C LEU A 122 -18.85 1.45 1.79
N GLU A 123 -20.12 1.80 1.77
CA GLU A 123 -20.91 1.77 2.99
C GLU A 123 -21.64 0.42 3.10
N ASP A 124 -21.83 -0.05 4.33
CA ASP A 124 -22.59 -1.28 4.53
C ASP A 124 -22.02 -2.41 3.70
N ALA A 125 -20.69 -2.57 3.77
CA ALA A 125 -19.95 -3.50 2.91
C ALA A 125 -19.24 -4.62 3.68
N PHE A 126 -18.96 -5.71 2.96
CA PHE A 126 -18.35 -6.95 3.45
C PHE A 126 -17.20 -7.30 2.48
N GLU A 127 -16.01 -7.58 3.01
CA GLU A 127 -14.80 -7.75 2.21
C GLU A 127 -14.32 -9.20 2.24
N ILE A 128 -14.05 -9.77 1.07
CA ILE A 128 -13.34 -11.05 1.02
C ILE A 128 -11.86 -10.74 0.84
N GLN A 129 -11.07 -10.95 1.90
CA GLN A 129 -9.68 -10.48 1.96
C GLN A 129 -8.66 -11.55 1.55
N ARG A 130 -8.81 -12.76 2.07
CA ARG A 130 -7.87 -13.85 1.84
C ARG A 130 -8.56 -15.15 1.47
N LEU A 131 -8.04 -15.82 0.43
CA LEU A 131 -8.51 -17.18 0.15
C LEU A 131 -7.37 -17.98 -0.48
N TYR A 132 -6.86 -18.98 0.24
CA TYR A 132 -5.78 -19.86 -0.20
C TYR A 132 -6.16 -21.33 -0.06
N ILE A 133 -5.78 -22.13 -1.05
CA ILE A 133 -5.90 -23.59 -0.96
C ILE A 133 -4.50 -24.18 -1.06
N LEU A 134 -4.14 -25.03 -0.11
CA LEU A 134 -2.90 -25.84 -0.22
C LEU A 134 -2.77 -26.55 -1.58
N LYS A 135 -1.61 -26.43 -2.19
CA LYS A 135 -1.33 -27.13 -3.43
C LYS A 135 -1.75 -28.58 -3.43
N ALA A 136 -1.45 -29.28 -2.36
CA ALA A 136 -1.75 -30.72 -2.32
C ALA A 136 -3.25 -30.95 -2.44
N TYR A 137 -4.05 -29.91 -2.22
CA TYR A 137 -5.52 -30.05 -2.28
C TYR A 137 -6.20 -29.24 -3.39
N GLN A 138 -5.41 -28.68 -4.31
CA GLN A 138 -5.98 -27.93 -5.44
C GLN A 138 -6.57 -28.85 -6.52
N GLY A 139 -7.44 -28.30 -7.37
CA GLY A 139 -8.05 -29.07 -8.45
C GLY A 139 -9.20 -29.95 -8.02
N LEU A 140 -9.60 -29.86 -6.75
CA LEU A 140 -10.65 -30.70 -6.19
C LEU A 140 -11.96 -29.92 -6.06
N GLY A 141 -11.93 -28.66 -6.46
CA GLY A 141 -13.11 -27.81 -6.32
C GLY A 141 -13.22 -27.11 -4.97
N LEU A 142 -12.20 -27.22 -4.13
CA LEU A 142 -12.34 -26.65 -2.79
C LEU A 142 -12.33 -25.12 -2.80
N GLY A 143 -11.56 -24.53 -3.72
CA GLY A 143 -11.51 -23.07 -3.84
C GLY A 143 -12.88 -22.47 -4.17
N LYS A 144 -13.52 -23.04 -5.18
CA LYS A 144 -14.84 -22.60 -5.59
C LYS A 144 -15.81 -22.74 -4.41
N GLN A 145 -15.73 -23.86 -3.72
CA GLN A 145 -16.65 -24.13 -2.62
C GLN A 145 -16.45 -23.10 -1.50
N LEU A 146 -15.20 -22.78 -1.20
CA LEU A 146 -14.93 -21.79 -0.15
C LEU A 146 -15.33 -20.37 -0.60
N PHE A 147 -15.12 -20.03 -1.87
CA PHE A 147 -15.56 -18.72 -2.38
C PHE A 147 -17.08 -18.61 -2.36
N GLU A 148 -17.77 -19.68 -2.77
CA GLU A 148 -19.23 -19.70 -2.69
C GLU A 148 -19.75 -19.61 -1.24
N PHE A 149 -19.04 -20.22 -0.30
CA PHE A 149 -19.38 -20.09 1.12
C PHE A 149 -19.21 -18.62 1.55
N ALA A 150 -18.15 -17.98 1.07
CA ALA A 150 -17.92 -16.58 1.42
C ALA A 150 -19.06 -15.68 0.94
N LEU A 151 -19.55 -15.91 -0.28
CA LEU A 151 -20.67 -15.15 -0.85
C LEU A 151 -21.98 -15.35 -0.07
N GLU A 152 -22.19 -16.58 0.41
CA GLU A 152 -23.37 -16.86 1.23
C GLU A 152 -23.28 -16.21 2.62
N ARG A 153 -22.10 -16.25 3.24
CA ARG A 153 -21.90 -15.48 4.47
C ARG A 153 -22.24 -14.01 4.25
N ALA A 154 -21.79 -13.46 3.14
CA ALA A 154 -22.06 -12.05 2.81
C ALA A 154 -23.56 -11.79 2.72
N GLN A 155 -24.27 -12.69 2.04
CA GLN A 155 -25.72 -12.60 1.90
C GLN A 155 -26.39 -12.59 3.28
N ILE A 156 -26.00 -13.54 4.12
CA ILE A 156 -26.55 -13.66 5.47
C ILE A 156 -26.23 -12.45 6.38
N SER A 157 -25.18 -11.70 6.04
CA SER A 157 -24.73 -10.58 6.88
C SER A 157 -25.73 -9.43 6.87
N GLY A 158 -26.56 -9.38 5.83
CA GLY A 158 -27.54 -8.32 5.69
C GLY A 158 -26.93 -7.01 5.24
N LEU A 159 -25.64 -7.01 4.92
CA LEU A 159 -25.00 -5.82 4.38
C LEU A 159 -25.40 -5.62 2.91
N SER A 160 -24.99 -4.49 2.33
CA SER A 160 -25.43 -4.16 0.97
C SER A 160 -24.49 -4.62 -0.14
N TRP A 161 -23.19 -4.73 0.16
CA TRP A 161 -22.19 -5.07 -0.84
C TRP A 161 -21.14 -6.07 -0.31
N VAL A 162 -20.66 -6.91 -1.21
CA VAL A 162 -19.46 -7.70 -0.96
C VAL A 162 -18.47 -7.26 -2.03
N TRP A 163 -17.23 -7.02 -1.64
CA TRP A 163 -16.19 -6.55 -2.55
C TRP A 163 -14.85 -7.25 -2.35
N LEU A 164 -13.98 -7.13 -3.34
CA LEU A 164 -12.65 -7.68 -3.28
C LEU A 164 -11.77 -6.91 -4.27
N GLY A 165 -10.46 -7.05 -4.11
CA GLY A 165 -9.51 -6.38 -4.98
C GLY A 165 -8.88 -7.38 -5.92
N VAL A 166 -8.62 -6.95 -7.15
CA VAL A 166 -7.95 -7.80 -8.12
C VAL A 166 -6.93 -6.97 -8.91
N TRP A 167 -5.80 -7.58 -9.21
CA TRP A 167 -4.73 -6.93 -9.97
C TRP A 167 -5.19 -6.63 -11.40
N GLU A 168 -5.01 -5.38 -11.83
CA GLU A 168 -5.36 -4.98 -13.19
C GLU A 168 -4.92 -5.98 -14.25
N LYS A 169 -3.84 -6.70 -14.01
CA LYS A 169 -3.28 -7.62 -15.02
C LYS A 169 -3.78 -9.04 -14.91
N ASN A 170 -4.58 -9.34 -13.89
CA ASN A 170 -5.07 -10.71 -13.72
C ASN A 170 -6.43 -10.94 -14.37
N VAL A 171 -6.43 -11.01 -15.70
CA VAL A 171 -7.64 -11.08 -16.48
C VAL A 171 -8.45 -12.33 -16.19
N LYS A 172 -7.77 -13.44 -15.93
CA LYS A 172 -8.48 -14.68 -15.72
C LYS A 172 -9.38 -14.53 -14.49
N ALA A 173 -8.78 -14.04 -13.40
CA ALA A 173 -9.52 -13.80 -12.16
C ALA A 173 -10.66 -12.81 -12.39
N GLN A 174 -10.40 -11.78 -13.17
CA GLN A 174 -11.41 -10.79 -13.46
C GLN A 174 -12.63 -11.43 -14.06
N LEU A 175 -12.40 -12.31 -15.00
CA LEU A 175 -13.42 -12.98 -15.75
C LEU A 175 -14.26 -13.88 -14.87
N LEU A 176 -13.60 -14.54 -13.96
CA LEU A 176 -14.22 -15.43 -13.05
C LEU A 176 -15.14 -14.67 -12.11
N TYR A 177 -14.61 -13.60 -11.51
CA TYR A 177 -15.38 -12.73 -10.62
C TYR A 177 -16.61 -12.14 -11.31
N ALA A 178 -16.47 -11.80 -12.60
CA ALA A 178 -17.57 -11.21 -13.33
C ALA A 178 -18.74 -12.21 -13.44
N LYS A 179 -18.43 -13.51 -13.38
CA LYS A 179 -19.49 -14.51 -13.56
C LYS A 179 -20.35 -14.62 -12.33
N TYR A 180 -19.78 -14.26 -11.18
CA TYR A 180 -20.55 -14.22 -9.93
C TYR A 180 -21.28 -12.90 -9.76
N GLY A 181 -21.12 -11.99 -10.72
CA GLY A 181 -21.79 -10.71 -10.65
C GLY A 181 -21.00 -9.54 -10.05
N PHE A 182 -19.68 -9.68 -9.94
CA PHE A 182 -18.85 -8.56 -9.47
C PHE A 182 -18.60 -7.57 -10.61
N GLU A 183 -18.49 -6.29 -10.27
CA GLU A 183 -18.28 -5.22 -11.24
C GLU A 183 -17.30 -4.20 -10.67
N GLN A 184 -16.46 -3.62 -11.52
CA GLN A 184 -15.49 -2.65 -11.05
C GLN A 184 -16.19 -1.40 -10.58
N PHE A 185 -15.66 -0.74 -9.56
CA PHE A 185 -16.25 0.51 -9.10
C PHE A 185 -15.17 1.50 -8.70
N SER A 186 -13.94 1.03 -8.64
CA SER A 186 -12.84 1.90 -8.25
C SER A 186 -11.49 1.26 -8.49
N LYS A 187 -10.44 2.00 -8.18
CA LYS A 187 -9.10 1.50 -8.41
C LYS A 187 -8.11 2.25 -7.57
N HIS A 188 -6.95 1.64 -7.39
CA HIS A 188 -5.92 2.27 -6.60
C HIS A 188 -4.59 2.00 -7.27
N SER A 189 -3.88 3.07 -7.60
CA SER A 189 -2.55 2.93 -8.17
C SER A 189 -1.49 3.27 -7.12
N PHE A 190 -0.31 2.71 -7.32
CA PHE A 190 0.81 2.89 -6.41
C PHE A 190 2.06 2.54 -7.18
N PHE A 191 3.24 2.75 -6.59
CA PHE A 191 4.47 2.37 -7.26
C PHE A 191 5.43 1.59 -6.36
N VAL A 192 6.21 0.72 -7.00
CA VAL A 192 7.30 -0.01 -6.36
C VAL A 192 8.57 0.14 -7.21
N GLY A 193 9.53 0.91 -6.71
CA GLY A 193 10.74 1.20 -7.44
C GLY A 193 10.47 2.02 -8.70
N ASN A 194 10.56 1.37 -9.86
CA ASN A 194 10.35 2.05 -11.13
C ASN A 194 9.03 1.68 -11.77
N LYS A 195 8.32 0.74 -11.13
CA LYS A 195 7.09 0.16 -11.68
C LYS A 195 5.81 0.66 -10.99
N VAL A 196 4.91 1.23 -11.79
CA VAL A 196 3.59 1.65 -11.31
C VAL A 196 2.58 0.54 -11.57
N ASP A 197 1.69 0.29 -10.62
CA ASP A 197 0.64 -0.71 -10.81
C ASP A 197 -0.73 -0.28 -10.30
N THR A 198 -1.75 -1.04 -10.69
CA THR A 198 -3.11 -0.70 -10.30
C THR A 198 -3.88 -1.92 -9.82
N ASP A 199 -4.67 -1.73 -8.77
CA ASP A 199 -5.65 -2.73 -8.37
C ASP A 199 -7.04 -2.20 -8.65
N TRP A 200 -7.87 -3.05 -9.22
CA TRP A 200 -9.29 -2.75 -9.37
C TRP A 200 -10.07 -3.29 -8.18
N LEU A 201 -11.05 -2.52 -7.73
CA LEU A 201 -11.96 -2.97 -6.69
C LEU A 201 -13.27 -3.35 -7.35
N LEU A 202 -13.79 -4.54 -7.01
CA LEU A 202 -15.01 -5.03 -7.63
C LEU A 202 -16.02 -5.27 -6.53
N LYS A 203 -17.28 -4.89 -6.79
CA LYS A 203 -18.35 -5.15 -5.86
C LYS A 203 -19.52 -5.92 -6.48
N LYS A 204 -20.24 -6.62 -5.61
CA LYS A 204 -21.42 -7.35 -5.97
C LYS A 204 -22.56 -6.93 -5.05
N SER A 205 -23.67 -6.53 -5.64
CA SER A 205 -24.87 -6.20 -4.88
C SER A 205 -25.38 -7.38 -4.08
N LEU A 206 -25.59 -7.17 -2.79
CA LEU A 206 -26.25 -8.17 -1.95
C LEU A 206 -27.76 -7.91 -1.88
N SER B 36 21.51 34.11 -4.11
CA SER B 36 21.58 33.35 -5.36
C SER B 36 20.33 33.59 -6.21
N GLN B 37 20.14 32.72 -7.20
CA GLN B 37 18.97 32.76 -8.05
C GLN B 37 17.89 31.80 -7.53
N VAL B 38 18.18 31.15 -6.41
CA VAL B 38 17.34 30.07 -5.92
C VAL B 38 16.51 30.48 -4.70
N GLU B 39 15.23 30.11 -4.73
CA GLU B 39 14.33 30.39 -3.62
C GLU B 39 13.53 29.14 -3.26
N ILE B 40 13.25 28.97 -1.97
CA ILE B 40 12.41 27.87 -1.51
C ILE B 40 11.32 28.49 -0.67
N ARG B 41 10.07 28.19 -1.00
CA ARG B 41 8.94 28.76 -0.28
C ARG B 41 7.68 27.91 -0.50
N LYS B 42 6.68 28.13 0.35
CA LYS B 42 5.43 27.40 0.24
C LYS B 42 4.75 27.72 -1.09
N VAL B 43 4.01 26.74 -1.62
CA VAL B 43 3.17 26.94 -2.77
C VAL B 43 2.07 27.93 -2.42
N ASN B 44 1.89 28.92 -3.28
CA ASN B 44 0.81 29.88 -3.10
C ASN B 44 -0.54 29.26 -3.41
N GLN B 45 -1.60 29.76 -2.77
CA GLN B 45 -2.95 29.34 -3.08
C GLN B 45 -3.24 29.45 -4.59
N ASP B 46 -2.75 30.52 -5.21
CA ASP B 46 -2.99 30.73 -6.64
C ASP B 46 -2.03 29.97 -7.58
N GLU B 47 -1.26 29.04 -7.02
CA GLU B 47 -0.33 28.23 -7.82
C GLU B 47 -0.77 26.77 -7.90
N LEU B 48 -2.02 26.49 -7.53
CA LEU B 48 -2.52 25.12 -7.55
C LEU B 48 -2.31 24.43 -8.93
N SER B 49 -2.58 25.14 -10.01
CA SER B 49 -2.46 24.55 -11.33
C SER B 49 -1.01 24.34 -11.69
N LEU B 50 -0.18 25.26 -11.29
CA LEU B 50 1.24 25.15 -11.43
C LEU B 50 1.76 23.89 -10.73
N LEU B 51 1.35 23.70 -9.51
CA LEU B 51 1.69 22.51 -8.76
C LEU B 51 1.27 21.23 -9.45
N GLN B 52 0.05 21.17 -9.94
CA GLN B 52 -0.44 19.98 -10.62
C GLN B 52 0.49 19.69 -11.80
N LYS B 53 0.84 20.75 -12.52
CA LYS B 53 1.67 20.61 -13.72
C LYS B 53 3.04 19.99 -13.41
N ILE B 54 3.72 20.54 -12.42
CA ILE B 54 5.04 20.06 -12.12
C ILE B 54 4.96 18.66 -11.51
N ALA B 55 3.98 18.44 -10.63
CA ALA B 55 3.77 17.10 -10.08
C ALA B 55 3.57 16.07 -11.20
N ILE B 56 2.75 16.39 -12.20
CA ILE B 56 2.54 15.44 -13.29
C ILE B 56 3.82 15.27 -14.12
N GLN B 57 4.44 16.38 -14.45
CA GLN B 57 5.61 16.28 -15.31
C GLN B 57 6.75 15.47 -14.68
N THR B 58 7.01 15.69 -13.39
CA THR B 58 8.05 14.94 -12.69
C THR B 58 7.71 13.45 -12.58
N PHE B 59 6.43 13.14 -12.44
CA PHE B 59 6.04 11.74 -12.29
C PHE B 59 6.26 11.02 -13.63
N ARG B 60 5.87 11.69 -14.69
CA ARG B 60 6.05 11.23 -16.07
C ARG B 60 7.54 11.00 -16.36
N GLU B 61 8.36 12.01 -16.07
CA GLU B 61 9.82 11.88 -16.22
C GLU B 61 10.42 10.72 -15.46
N THR B 62 9.92 10.46 -14.25
CA THR B 62 10.49 9.44 -13.38
C THR B 62 10.03 8.04 -13.78
N PHE B 63 8.79 7.94 -14.26
CA PHE B 63 8.16 6.63 -14.43
C PHE B 63 7.80 6.21 -15.87
N ALA B 64 7.83 7.14 -16.81
CA ALA B 64 7.26 6.89 -18.14
C ALA B 64 8.01 5.87 -18.99
N PHE B 65 9.30 5.71 -18.75
CA PHE B 65 10.11 4.82 -19.58
C PHE B 65 9.87 3.35 -19.24
N ASP B 66 9.36 3.09 -18.05
CA ASP B 66 9.18 1.72 -17.57
C ASP B 66 7.70 1.33 -17.38
N ASN B 67 6.80 2.26 -17.71
CA ASN B 67 5.37 2.03 -17.56
C ASN B 67 4.64 2.61 -18.76
N THR B 68 3.40 2.17 -19.00
CA THR B 68 2.61 2.67 -20.12
C THR B 68 1.93 3.97 -19.75
N ALA B 69 1.45 4.70 -20.75
CA ALA B 69 0.83 5.99 -20.51
C ALA B 69 -0.42 5.86 -19.65
N GLU B 70 -1.16 4.77 -19.90
CA GLU B 70 -2.39 4.49 -19.17
C GLU B 70 -2.11 4.22 -17.69
N GLN B 71 -1.06 3.45 -17.40
CA GLN B 71 -0.67 3.20 -16.01
C GLN B 71 -0.34 4.51 -15.28
N LEU B 72 0.38 5.39 -15.95
CA LEU B 72 0.72 6.66 -15.31
C LEU B 72 -0.55 7.48 -15.10
N GLN B 73 -1.41 7.53 -16.13
CA GLN B 73 -2.65 8.29 -16.05
C GLN B 73 -3.54 7.83 -14.88
N ASN B 74 -3.61 6.53 -14.64
CA ASN B 74 -4.30 6.02 -13.45
C ASN B 74 -3.84 6.71 -12.18
N PHE B 75 -2.53 6.92 -12.06
CA PHE B 75 -2.00 7.58 -10.87
C PHE B 75 -2.37 9.06 -10.85
N PHE B 76 -2.17 9.76 -11.97
CA PHE B 76 -2.59 11.17 -12.07
C PHE B 76 -4.06 11.35 -11.70
N ASP B 77 -4.90 10.47 -12.24
CA ASP B 77 -6.34 10.58 -12.08
C ASP B 77 -6.73 10.44 -10.62
N GLU B 78 -5.86 9.84 -9.81
CA GLU B 78 -6.16 9.59 -8.41
C GLU B 78 -5.45 10.56 -7.46
N ALA B 79 -4.18 10.81 -7.73
CA ALA B 79 -3.34 11.58 -6.79
C ALA B 79 -3.15 13.05 -7.15
N TYR B 80 -3.28 13.40 -8.42
CA TYR B 80 -2.88 14.74 -8.83
C TYR B 80 -3.98 15.53 -9.52
N THR B 81 -5.23 15.28 -9.14
CA THR B 81 -6.34 16.16 -9.56
C THR B 81 -6.26 17.44 -8.75
N LEU B 82 -6.86 18.52 -9.26
CA LEU B 82 -6.81 19.80 -8.57
C LEU B 82 -7.47 19.71 -7.20
N SER B 83 -8.50 18.89 -7.07
CA SER B 83 -9.23 18.79 -5.79
C SER B 83 -8.42 18.09 -4.69
N VAL B 84 -7.70 17.03 -5.05
CA VAL B 84 -6.85 16.33 -4.07
C VAL B 84 -5.69 17.23 -3.66
N LEU B 85 -5.05 17.85 -4.64
CA LEU B 85 -3.96 18.79 -4.34
C LEU B 85 -4.47 19.98 -3.52
N LYS B 86 -5.70 20.43 -3.81
CA LYS B 86 -6.28 21.51 -3.00
C LYS B 86 -6.38 21.14 -1.51
N LEU B 87 -6.89 19.93 -1.21
CA LEU B 87 -6.97 19.45 0.18
C LEU B 87 -5.60 19.38 0.83
N GLU B 88 -4.61 18.97 0.07
CA GLU B 88 -3.24 18.93 0.52
C GLU B 88 -2.73 20.32 0.86
N LEU B 89 -3.03 21.30 0.06
CA LEU B 89 -2.56 22.64 0.30
C LEU B 89 -3.23 23.31 1.49
N ASP B 90 -4.44 22.87 1.78
CA ASP B 90 -5.23 23.42 2.84
C ASP B 90 -4.99 22.66 4.15
N ASP B 91 -4.37 21.50 4.08
CA ASP B 91 -4.11 20.65 5.24
C ASP B 91 -3.17 21.34 6.26
N LYS B 92 -3.64 21.48 7.49
CA LYS B 92 -2.87 22.18 8.52
C LYS B 92 -1.66 21.38 9.03
N GLU B 93 -1.67 20.07 8.80
CA GLU B 93 -0.58 19.24 9.30
C GLU B 93 0.34 18.77 8.18
N SER B 94 0.43 19.57 7.11
CA SER B 94 1.30 19.24 5.99
C SER B 94 1.77 20.52 5.32
N GLU B 95 2.95 20.49 4.71
CA GLU B 95 3.33 21.62 3.89
C GLU B 95 3.87 21.18 2.55
N THR B 96 3.54 21.95 1.51
CA THR B 96 4.14 21.73 0.21
C THR B 96 4.95 22.96 -0.22
N TYR B 97 6.18 22.71 -0.67
CA TYR B 97 7.10 23.77 -1.08
C TYR B 97 7.51 23.64 -2.55
N PHE B 98 7.75 24.79 -3.20
CA PHE B 98 8.46 24.84 -4.46
C PHE B 98 9.92 25.21 -4.17
N ILE B 99 10.82 24.67 -4.97
CA ILE B 99 12.13 25.29 -5.09
C ILE B 99 12.16 25.94 -6.46
N LEU B 100 12.59 27.17 -6.49
CA LEU B 100 12.52 27.99 -7.66
C LEU B 100 13.87 28.44 -8.15
N MET B 101 14.01 28.51 -9.45
CA MET B 101 15.22 29.00 -10.07
C MET B 101 14.89 30.17 -10.99
N SER B 102 15.39 31.33 -10.62
CA SER B 102 15.06 32.54 -11.30
C SER B 102 13.54 32.71 -11.47
N GLY B 103 12.77 32.41 -10.45
CA GLY B 103 11.33 32.62 -10.45
C GLY B 103 10.52 31.51 -11.09
N LYS B 104 11.20 30.53 -11.68
CA LYS B 104 10.54 29.36 -12.28
C LYS B 104 10.58 28.14 -11.35
N ALA B 105 9.43 27.51 -11.16
CA ALA B 105 9.37 26.29 -10.35
C ALA B 105 10.24 25.17 -10.95
N ALA B 106 11.20 24.69 -10.17
CA ALA B 106 12.12 23.63 -10.60
C ALA B 106 11.87 22.28 -9.92
N GLY B 107 11.11 22.29 -8.83
CA GLY B 107 10.82 21.07 -8.11
C GLY B 107 9.93 21.34 -6.91
N PHE B 108 9.58 20.28 -6.19
CA PHE B 108 8.67 20.42 -5.06
C PHE B 108 8.92 19.39 -3.95
N LEU B 109 8.37 19.71 -2.78
CA LEU B 109 8.67 19.00 -1.55
C LEU B 109 7.39 18.90 -0.74
N LYS B 110 6.99 17.69 -0.32
CA LYS B 110 5.86 17.61 0.61
C LYS B 110 6.25 17.00 1.93
N VAL B 111 5.93 17.69 3.03
CA VAL B 111 6.22 17.17 4.37
C VAL B 111 4.94 17.02 5.22
N ASN B 112 4.92 16.03 6.13
CA ASN B 112 3.75 15.79 6.96
C ASN B 112 4.08 15.62 8.43
N TRP B 113 3.12 15.96 9.29
CA TRP B 113 3.19 15.59 10.70
C TRP B 113 1.77 15.38 11.25
N GLY B 114 1.64 15.00 12.52
CA GLY B 114 0.33 14.71 13.09
C GLY B 114 -0.40 13.60 12.36
N SER B 115 -1.70 13.78 12.16
CA SER B 115 -2.52 12.75 11.50
C SER B 115 -2.32 12.73 10.00
N SER B 116 -1.66 13.76 9.45
CA SER B 116 -1.43 13.82 8.01
C SER B 116 -0.28 12.94 7.52
N GLN B 117 0.48 12.34 8.44
CA GLN B 117 1.50 11.42 8.01
C GLN B 117 0.85 10.27 7.26
N THR B 118 1.55 9.71 6.29
CA THR B 118 1.01 8.61 5.51
C THR B 118 0.83 7.35 6.35
N GLU B 119 1.63 7.24 7.41
CA GLU B 119 1.55 6.09 8.31
C GLU B 119 1.87 6.53 9.73
N GLN B 120 1.16 5.98 10.70
CA GLN B 120 1.50 6.25 12.10
C GLN B 120 2.48 5.20 12.59
N VAL B 121 3.77 5.53 12.53
CA VAL B 121 4.82 4.59 12.91
C VAL B 121 5.68 5.06 14.08
N LEU B 122 5.73 6.36 14.31
CA LEU B 122 6.51 6.92 15.41
C LEU B 122 5.69 7.96 16.14
N GLU B 123 6.09 8.26 17.38
CA GLU B 123 5.46 9.34 18.11
C GLU B 123 6.24 10.64 17.90
N ASP B 124 5.55 11.77 17.90
CA ASP B 124 6.23 13.06 17.81
C ASP B 124 7.15 13.11 16.59
N ALA B 125 6.61 12.67 15.45
CA ALA B 125 7.40 12.49 14.23
C ALA B 125 6.95 13.40 13.06
N PHE B 126 7.87 13.58 12.12
CA PHE B 126 7.77 14.45 10.95
C PHE B 126 8.21 13.63 9.72
N GLU B 127 7.40 13.61 8.67
CA GLU B 127 7.61 12.75 7.51
C GLU B 127 8.03 13.56 6.28
N ILE B 128 9.07 13.12 5.60
CA ILE B 128 9.38 13.68 4.28
C ILE B 128 8.77 12.72 3.26
N GLN B 129 7.69 13.16 2.60
CA GLN B 129 6.85 12.27 1.78
C GLN B 129 7.22 12.31 0.29
N ARG B 130 7.36 13.52 -0.25
CA ARG B 130 7.64 13.72 -1.67
C ARG B 130 8.79 14.70 -1.93
N LEU B 131 9.68 14.34 -2.85
CA LEU B 131 10.68 15.30 -3.30
C LEU B 131 11.08 14.97 -4.76
N TYR B 132 10.71 15.87 -5.68
CA TYR B 132 10.99 15.74 -7.10
C TYR B 132 11.67 16.98 -7.66
N ILE B 133 12.63 16.77 -8.54
CA ILE B 133 13.25 17.87 -9.28
C ILE B 133 13.00 17.61 -10.76
N LEU B 134 12.46 18.59 -11.47
CA LEU B 134 12.37 18.55 -12.94
C LEU B 134 13.71 18.19 -13.61
N LYS B 135 13.66 17.26 -14.56
CA LYS B 135 14.87 16.83 -15.26
C LYS B 135 15.66 18.01 -15.85
N ALA B 136 14.96 19.02 -16.37
CA ALA B 136 15.66 20.16 -16.95
C ALA B 136 16.49 20.88 -15.89
N TYR B 137 16.20 20.65 -14.61
CA TYR B 137 16.92 21.34 -13.53
C TYR B 137 17.76 20.43 -12.63
N GLN B 138 17.95 19.17 -13.03
CA GLN B 138 18.76 18.24 -12.23
C GLN B 138 20.26 18.49 -12.40
N GLY B 139 21.05 18.02 -11.45
CA GLY B 139 22.51 18.14 -11.55
C GLY B 139 23.03 19.50 -11.11
N LEU B 140 22.15 20.35 -10.60
CA LEU B 140 22.49 21.71 -10.20
C LEU B 140 22.58 21.82 -8.68
N GLY B 141 22.36 20.70 -8.00
CA GLY B 141 22.36 20.70 -6.54
C GLY B 141 21.02 21.06 -5.91
N LEU B 142 19.98 21.19 -6.71
CA LEU B 142 18.73 21.65 -6.12
C LEU B 142 18.08 20.58 -5.23
N GLY B 143 18.26 19.31 -5.58
CA GLY B 143 17.68 18.23 -4.78
C GLY B 143 18.25 18.21 -3.35
N LYS B 144 19.56 18.25 -3.27
CA LYS B 144 20.26 18.31 -1.99
C LYS B 144 19.79 19.52 -1.19
N GLN B 145 19.71 20.67 -1.85
CA GLN B 145 19.29 21.89 -1.16
C GLN B 145 17.88 21.76 -0.60
N LEU B 146 16.97 21.16 -1.38
CA LEU B 146 15.59 21.00 -0.92
C LEU B 146 15.50 19.94 0.22
N PHE B 147 16.29 18.87 0.13
CA PHE B 147 16.33 17.86 1.19
C PHE B 147 16.88 18.46 2.49
N GLU B 148 17.95 19.25 2.37
CA GLU B 148 18.51 19.92 3.52
C GLU B 148 17.55 20.95 4.15
N PHE B 149 16.76 21.62 3.30
CA PHE B 149 15.71 22.51 3.78
C PHE B 149 14.66 21.70 4.56
N ALA B 150 14.30 20.53 4.04
CA ALA B 150 13.34 19.65 4.73
C ALA B 150 13.82 19.25 6.12
N LEU B 151 15.09 18.87 6.24
CA LEU B 151 15.69 18.52 7.55
C LEU B 151 15.70 19.69 8.53
N GLU B 152 15.94 20.90 8.03
CA GLU B 152 15.90 22.07 8.90
C GLU B 152 14.46 22.41 9.35
N ARG B 153 13.48 22.28 8.45
CA ARG B 153 12.09 22.41 8.87
C ARG B 153 11.76 21.43 9.99
N ALA B 154 12.25 20.21 9.85
CA ALA B 154 12.02 19.17 10.86
C ALA B 154 12.60 19.59 12.20
N GLN B 155 13.82 20.12 12.15
CA GLN B 155 14.50 20.58 13.35
C GLN B 155 13.69 21.68 14.04
N ILE B 156 13.24 22.64 13.25
CA ILE B 156 12.46 23.76 13.76
C ILE B 156 11.07 23.35 14.31
N SER B 157 10.59 22.17 13.89
CA SER B 157 9.25 21.72 14.26
C SER B 157 9.17 21.38 15.74
N GLY B 158 10.32 21.07 16.33
CA GLY B 158 10.38 20.68 17.73
C GLY B 158 9.93 19.25 17.98
N LEU B 159 9.66 18.51 16.90
CA LEU B 159 9.30 17.10 17.04
C LEU B 159 10.57 16.26 17.33
N SER B 160 10.39 14.97 17.60
CA SER B 160 11.50 14.14 18.03
C SER B 160 12.19 13.39 16.88
N TRP B 161 11.45 13.11 15.81
CA TRP B 161 11.98 12.29 14.71
C TRP B 161 11.55 12.83 13.33
N VAL B 162 12.44 12.69 12.36
CA VAL B 162 12.08 12.85 10.96
C VAL B 162 12.34 11.49 10.32
N TRP B 163 11.40 11.05 9.49
CA TRP B 163 11.49 9.75 8.85
C TRP B 163 11.09 9.76 7.38
N LEU B 164 11.51 8.72 6.66
CA LEU B 164 11.11 8.54 5.28
C LEU B 164 11.17 7.05 4.94
N GLY B 165 10.54 6.68 3.83
CA GLY B 165 10.57 5.30 3.37
C GLY B 165 11.49 5.16 2.19
N VAL B 166 12.18 4.02 2.10
CA VAL B 166 13.06 3.75 0.97
C VAL B 166 12.91 2.27 0.57
N TRP B 167 12.95 2.03 -0.73
CA TRP B 167 12.82 0.68 -1.28
C TRP B 167 14.02 -0.18 -0.88
N GLU B 168 13.74 -1.37 -0.33
CA GLU B 168 14.81 -2.30 0.05
C GLU B 168 15.92 -2.43 -1.01
N LYS B 169 15.58 -2.26 -2.28
CA LYS B 169 16.55 -2.46 -3.36
C LYS B 169 17.29 -1.21 -3.79
N ASN B 170 16.93 -0.05 -3.24
CA ASN B 170 17.59 1.20 -3.64
C ASN B 170 18.76 1.55 -2.74
N VAL B 171 19.86 0.80 -2.91
CA VAL B 171 21.02 0.91 -2.05
C VAL B 171 21.67 2.29 -2.13
N LYS B 172 21.64 2.90 -3.30
CA LYS B 172 22.31 4.19 -3.44
C LYS B 172 21.64 5.19 -2.52
N ALA B 173 20.30 5.24 -2.59
CA ALA B 173 19.53 6.14 -1.73
C ALA B 173 19.76 5.81 -0.26
N GLN B 174 19.86 4.54 0.06
CA GLN B 174 20.10 4.14 1.42
C GLN B 174 21.34 4.78 1.95
N LEU B 175 22.38 4.71 1.16
CA LEU B 175 23.70 5.18 1.52
C LEU B 175 23.72 6.66 1.74
N LEU B 176 23.00 7.36 0.90
CA LEU B 176 22.90 8.77 1.01
C LEU B 176 22.20 9.20 2.30
N TYR B 177 21.03 8.61 2.57
CA TYR B 177 20.29 8.81 3.76
C TYR B 177 21.11 8.54 5.01
N ALA B 178 21.92 7.51 4.98
CA ALA B 178 22.71 7.13 6.13
C ALA B 178 23.71 8.25 6.46
N LYS B 179 24.09 9.03 5.46
CA LYS B 179 25.09 10.07 5.69
C LYS B 179 24.52 11.26 6.44
N TYR B 180 23.21 11.44 6.32
CA TYR B 180 22.52 12.48 7.07
C TYR B 180 22.12 11.99 8.46
N GLY B 181 22.44 10.74 8.78
CA GLY B 181 22.11 10.21 10.09
C GLY B 181 20.81 9.41 10.18
N PHE B 182 20.24 8.99 9.05
CA PHE B 182 19.02 8.16 9.10
C PHE B 182 19.41 6.70 9.38
N GLU B 183 18.52 5.98 10.06
CA GLU B 183 18.74 4.58 10.44
C GLU B 183 17.43 3.81 10.31
N GLN B 184 17.51 2.55 9.92
CA GLN B 184 16.32 1.74 9.75
C GLN B 184 15.71 1.46 11.10
N PHE B 185 14.39 1.37 11.16
CA PHE B 185 13.73 1.06 12.42
C PHE B 185 12.53 0.16 12.18
N SER B 186 12.18 -0.02 10.92
CA SER B 186 11.03 -0.86 10.60
C SER B 186 10.94 -1.15 9.12
N LYS B 187 9.94 -1.93 8.74
CA LYS B 187 9.77 -2.27 7.34
C LYS B 187 8.36 -2.72 7.08
N HIS B 188 7.99 -2.70 5.82
CA HIS B 188 6.66 -3.10 5.44
C HIS B 188 6.75 -3.89 4.15
N SER B 189 6.27 -5.13 4.19
CA SER B 189 6.22 -5.95 2.99
C SER B 189 4.80 -6.01 2.44
N PHE B 190 4.71 -6.25 1.14
CA PHE B 190 3.44 -6.30 0.44
C PHE B 190 3.69 -7.07 -0.85
N PHE B 191 2.63 -7.37 -1.61
CA PHE B 191 2.83 -8.02 -2.89
C PHE B 191 2.04 -7.37 -4.02
N VAL B 192 2.59 -7.48 -5.23
CA VAL B 192 1.94 -7.08 -6.47
C VAL B 192 2.02 -8.23 -7.48
N GLY B 193 0.89 -8.88 -7.73
CA GLY B 193 0.83 -10.03 -8.61
C GLY B 193 1.61 -11.21 -8.04
N ASN B 194 2.77 -11.49 -8.60
CA ASN B 194 3.59 -12.62 -8.17
C ASN B 194 4.81 -12.17 -7.40
N LYS B 195 4.99 -10.86 -7.30
CA LYS B 195 6.20 -10.25 -6.73
C LYS B 195 5.97 -9.64 -5.35
N VAL B 196 6.75 -10.11 -4.37
CA VAL B 196 6.73 -9.55 -3.02
C VAL B 196 7.84 -8.49 -2.91
N ASP B 197 7.56 -7.39 -2.23
CA ASP B 197 8.58 -6.38 -2.00
C ASP B 197 8.54 -5.78 -0.60
N THR B 198 9.61 -5.06 -0.26
CA THR B 198 9.72 -4.47 1.05
C THR B 198 10.18 -3.03 1.00
N ASP B 199 9.59 -2.20 1.85
CA ASP B 199 10.11 -0.86 2.09
C ASP B 199 10.68 -0.79 3.49
N TRP B 200 11.85 -0.17 3.59
CA TRP B 200 12.44 0.13 4.89
C TRP B 200 12.03 1.53 5.32
N LEU B 201 11.76 1.69 6.60
CA LEU B 201 11.50 3.01 7.18
C LEU B 201 12.75 3.46 7.92
N LEU B 202 13.19 4.68 7.69
CA LEU B 202 14.41 5.18 8.31
C LEU B 202 14.07 6.44 9.09
N LYS B 203 14.63 6.56 10.29
CA LYS B 203 14.45 7.74 11.09
C LYS B 203 15.75 8.40 11.49
N LYS B 204 15.65 9.70 11.74
CA LYS B 204 16.75 10.51 12.23
C LYS B 204 16.31 11.26 13.47
N SER B 205 17.09 11.11 14.54
CA SER B 205 16.85 11.85 15.77
C SER B 205 16.91 13.35 15.57
N LEU B 206 15.87 14.05 16.03
CA LEU B 206 15.90 15.51 16.02
C LEU B 206 16.37 16.04 17.39
#